data_5X2I
#
_entry.id   5X2I
#
_cell.length_a   41.094
_cell.length_b   51.212
_cell.length_c   51.296
_cell.angle_alpha   67.51
_cell.angle_beta   74.93
_cell.angle_gamma   78.75
#
_symmetry.space_group_name_H-M   'P 1'
#
loop_
_entity.id
_entity.type
_entity.pdbx_description
1 polymer 'Pectate lyase'
2 non-polymer 'CALCIUM ION'
3 non-polymer 'CHLORIDE ION'
4 water water
#
_entity_poly.entity_id   1
_entity_poly.type   'polypeptide(L)'
_entity_poly.pdbx_seq_one_letter_code
;ADLGHQTLGSNDGWGAYSTGTTGGSKASSSNVYTVSNRNQLVSALGKETNTTPKIIYIKGTIDMNVDDNLKPLGLNDYKD
PEYDLDKYLKAYDPSTWGKKEPSGTQEEARARSQKNQKARVMVDIPANTTIVGSGTNAKVVGGNFQIKSDNVIIRNIEFQ
DAYDYFPQWDPTDGSSGNWNSQYDNITINGGTHIWIDHCTFNDGSRPDSTSPKYYGRKYQHHDGQTDASNGANYITMSYN
YYHDHDKSSIFGSSDSKTSDDGKLKITLHHNRYKNIVQRAPRVRFGQVHVYNNYYEGSTSSSSYPFSYAWGIGKSSKIYA
QNNVIDVPGLSAAKTISVFSGGTALYDSGTLLNGTQINASAANGLSSSVGWTPSLHGSIDASANVKSNVINQAGAGKLN
;
_entity_poly.pdbx_strand_id   A
#
# COMPACT_ATOMS: atom_id res chain seq x y z
N ALA A 1 -9.49 26.59 -5.15
CA ALA A 1 -10.49 25.59 -4.67
C ALA A 1 -10.06 25.00 -3.34
N ASP A 2 -11.04 24.61 -2.53
CA ASP A 2 -10.70 24.04 -1.25
C ASP A 2 -10.23 22.60 -1.49
N LEU A 3 -9.85 21.90 -0.43
CA LEU A 3 -9.20 20.58 -0.53
C LEU A 3 -10.09 19.55 -1.22
N GLY A 4 -11.35 19.51 -0.82
CA GLY A 4 -12.29 18.67 -1.41
C GLY A 4 -12.51 18.87 -2.89
N HIS A 5 -12.21 20.06 -3.43
CA HIS A 5 -12.38 20.32 -4.90
C HIS A 5 -11.09 20.32 -5.72
N GLN A 6 -9.95 20.17 -5.06
CA GLN A 6 -8.71 20.08 -5.78
C GLN A 6 -8.56 18.79 -6.56
N THR A 7 -7.88 18.89 -7.71
CA THR A 7 -7.69 17.78 -8.64
C THR A 7 -6.20 17.60 -8.86
N LEU A 8 -5.83 16.49 -9.46
CA LEU A 8 -4.42 16.22 -9.81
C LEU A 8 -3.98 17.14 -10.96
N GLY A 9 -2.79 17.74 -10.84
CA GLY A 9 -2.29 18.67 -11.85
C GLY A 9 -2.11 17.92 -13.15
N SER A 10 -2.23 18.64 -14.26
CA SER A 10 -2.27 18.05 -15.57
C SER A 10 -0.95 17.36 -15.94
N ASN A 11 0.13 17.64 -15.23
CA ASN A 11 1.42 17.02 -15.54
C ASN A 11 1.92 16.08 -14.41
N ASP A 12 1.09 15.82 -13.42
CA ASP A 12 1.55 15.19 -12.20
C ASP A 12 1.45 13.64 -12.26
N GLY A 13 2.30 13.04 -13.06
CA GLY A 13 2.49 11.59 -13.02
C GLY A 13 1.49 10.85 -13.85
N TRP A 14 1.59 9.53 -13.83
CA TRP A 14 0.66 8.65 -14.57
C TRP A 14 -0.79 8.84 -14.21
N GLY A 15 -1.07 9.31 -12.98
CA GLY A 15 -2.46 9.60 -12.60
C GLY A 15 -3.09 10.65 -13.52
N ALA A 16 -2.24 11.52 -14.09
CA ALA A 16 -2.69 12.62 -14.94
C ALA A 16 -2.82 12.25 -16.41
N TYR A 17 -2.42 11.04 -16.73
CA TYR A 17 -2.61 10.53 -18.10
C TYR A 17 -4.04 10.55 -18.57
N SER A 18 -4.20 10.79 -19.89
CA SER A 18 -5.50 10.77 -20.56
C SER A 18 -6.55 11.70 -19.90
N THR A 19 -7.63 11.16 -19.39
CA THR A 19 -8.70 11.94 -18.80
C THR A 19 -8.27 12.52 -17.43
N GLY A 20 -7.12 12.09 -16.90
CA GLY A 20 -6.65 12.61 -15.62
C GLY A 20 -7.43 12.14 -14.38
N THR A 21 -7.09 12.74 -13.23
CA THR A 21 -7.75 12.47 -11.98
C THR A 21 -8.42 13.70 -11.37
N THR A 22 -9.74 13.75 -11.51
CA THR A 22 -10.54 14.86 -11.01
C THR A 22 -11.38 14.44 -9.82
N GLY A 23 -11.43 13.15 -9.57
CA GLY A 23 -12.14 12.63 -8.43
C GLY A 23 -13.56 13.10 -8.43
N GLY A 24 -14.00 13.62 -7.29
CA GLY A 24 -15.37 14.16 -7.15
C GLY A 24 -15.49 15.68 -7.19
N SER A 25 -14.51 16.33 -7.80
CA SER A 25 -14.44 17.79 -7.82
C SER A 25 -15.70 18.44 -8.42
N LYS A 26 -16.38 17.74 -9.32
CA LYS A 26 -17.60 18.26 -9.99
C LYS A 26 -18.86 18.03 -9.16
N ALA A 27 -18.73 17.60 -7.91
CA ALA A 27 -19.90 17.24 -7.12
C ALA A 27 -20.88 18.42 -6.90
N SER A 28 -22.17 18.15 -6.91
CA SER A 28 -23.12 19.15 -6.39
C SER A 28 -23.17 19.02 -4.86
N SER A 29 -23.73 20.02 -4.20
CA SER A 29 -23.74 20.06 -2.74
C SER A 29 -24.46 18.86 -2.10
N SER A 30 -25.43 18.28 -2.80
CA SER A 30 -26.10 17.08 -2.26
C SER A 30 -25.23 15.79 -2.27
N ASN A 31 -24.09 15.84 -2.94
CA ASN A 31 -23.07 14.78 -2.84
C ASN A 31 -21.77 15.29 -2.19
N VAL A 32 -21.90 16.21 -1.25
CA VAL A 32 -20.79 16.59 -0.38
C VAL A 32 -21.10 16.17 1.06
N TYR A 33 -20.27 15.29 1.62
CA TYR A 33 -20.49 14.63 2.91
C TYR A 33 -19.36 14.88 3.89
N THR A 34 -19.71 14.86 5.17
CA THR A 34 -18.73 14.83 6.22
C THR A 34 -19.09 13.67 7.10
N VAL A 35 -18.10 12.82 7.33
CA VAL A 35 -18.33 11.54 7.96
C VAL A 35 -17.29 11.36 9.08
N SER A 36 -17.77 10.72 10.14
CA SER A 36 -17.04 10.52 11.36
C SER A 36 -17.21 9.13 11.93
N ASN A 37 -17.88 8.26 11.20
CA ASN A 37 -17.91 6.88 11.58
C ASN A 37 -18.21 5.90 10.45
N ARG A 38 -18.06 4.63 10.71
CA ARG A 38 -18.24 3.65 9.63
C ARG A 38 -19.59 3.74 8.84
N ASN A 39 -20.69 3.86 9.58
CA ASN A 39 -22.02 3.98 8.98
C ASN A 39 -22.18 5.14 8.00
N GLN A 40 -21.70 6.31 8.42
CA GLN A 40 -21.72 7.53 7.61
C GLN A 40 -20.82 7.36 6.39
N LEU A 41 -19.64 6.76 6.60
CA LEU A 41 -18.77 6.52 5.46
C LEU A 41 -19.43 5.59 4.41
N VAL A 42 -19.95 4.46 4.87
CA VAL A 42 -20.59 3.50 3.98
C VAL A 42 -21.78 4.12 3.29
N SER A 43 -22.55 4.93 4.00
CA SER A 43 -23.75 5.50 3.39
C SER A 43 -23.39 6.53 2.34
N ALA A 44 -22.33 7.30 2.58
CA ALA A 44 -21.88 8.30 1.68
C ALA A 44 -21.29 7.68 0.37
N LEU A 45 -20.55 6.58 0.55
CA LEU A 45 -19.99 5.85 -0.60
C LEU A 45 -21.08 5.21 -1.46
N GLY A 46 -22.11 4.62 -0.83
CA GLY A 46 -23.19 3.93 -1.57
C GLY A 46 -22.60 2.73 -2.23
N LYS A 47 -23.27 2.26 -3.26
CA LYS A 47 -22.85 1.04 -3.91
C LYS A 47 -21.67 1.25 -4.82
N GLU A 48 -21.03 0.15 -5.15
CA GLU A 48 -19.85 0.08 -6.02
C GLU A 48 -19.95 0.90 -7.30
N THR A 49 -21.20 1.01 -7.78
CA THR A 49 -21.60 1.55 -9.05
C THR A 49 -22.22 2.97 -8.97
N ASN A 50 -22.19 3.59 -7.76
CA ASN A 50 -22.58 4.98 -7.54
C ASN A 50 -21.48 5.94 -8.05
N THR A 51 -21.54 6.23 -9.37
CA THR A 51 -20.54 6.98 -10.12
C THR A 51 -20.80 8.51 -10.09
N THR A 52 -21.86 8.91 -9.37
CA THR A 52 -22.16 10.32 -9.22
C THR A 52 -20.94 10.97 -8.55
N PRO A 53 -20.45 12.08 -9.10
CA PRO A 53 -19.36 12.75 -8.43
C PRO A 53 -19.68 13.12 -6.99
N LYS A 54 -18.81 12.75 -6.03
CA LYS A 54 -19.06 12.95 -4.60
C LYS A 54 -17.80 13.40 -3.92
N ILE A 55 -17.93 14.23 -2.88
CA ILE A 55 -16.80 14.56 -2.05
C ILE A 55 -17.09 14.11 -0.65
N ILE A 56 -16.12 13.47 -0.02
CA ILE A 56 -16.31 12.90 1.30
C ILE A 56 -15.21 13.42 2.22
N TYR A 57 -15.60 14.20 3.23
CA TYR A 57 -14.72 14.74 4.24
C TYR A 57 -14.71 13.79 5.42
N ILE A 58 -13.52 13.34 5.83
CA ILE A 58 -13.39 12.52 7.03
C ILE A 58 -12.97 13.42 8.21
N LYS A 59 -13.75 13.37 9.28
CA LYS A 59 -13.53 14.19 10.47
C LYS A 59 -13.35 13.25 11.61
N GLY A 60 -12.19 13.29 12.23
CA GLY A 60 -11.87 12.42 13.37
C GLY A 60 -11.44 11.03 12.90
N THR A 61 -11.63 10.05 13.76
CA THR A 61 -11.10 8.73 13.63
C THR A 61 -12.27 7.84 13.29
N ILE A 62 -12.19 7.16 12.14
CA ILE A 62 -13.16 6.12 11.73
C ILE A 62 -12.55 4.72 11.93
N ASP A 63 -13.07 4.04 12.96
CA ASP A 63 -12.68 2.70 13.25
C ASP A 63 -13.60 1.84 12.40
N MET A 64 -13.01 0.97 11.55
CA MET A 64 -13.79 0.11 10.66
C MET A 64 -14.14 -1.26 11.28
N ASN A 65 -13.48 -1.62 12.39
CA ASN A 65 -13.78 -2.89 13.05
C ASN A 65 -14.90 -2.66 14.03
N VAL A 66 -16.10 -2.41 13.48
CA VAL A 66 -17.26 -2.09 14.31
C VAL A 66 -18.52 -2.62 13.67
N ASP A 67 -19.52 -2.91 14.49
CA ASP A 67 -20.82 -3.42 14.02
C ASP A 67 -21.67 -2.28 13.53
N ASP A 68 -22.90 -2.57 13.17
CA ASP A 68 -23.79 -1.46 12.77
C ASP A 68 -24.23 -0.53 13.86
N ASN A 69 -24.03 -0.88 15.14
CA ASN A 69 -24.11 0.15 16.23
C ASN A 69 -22.81 0.82 16.61
N LEU A 70 -21.77 0.64 15.78
CA LEU A 70 -20.47 1.23 16.06
C LEU A 70 -19.79 0.65 17.32
N LYS A 71 -20.29 -0.51 17.77
CA LYS A 71 -19.65 -1.25 18.89
C LYS A 71 -18.38 -2.00 18.37
N PRO A 72 -17.28 -1.90 19.11
CA PRO A 72 -16.04 -2.52 18.57
C PRO A 72 -16.13 -4.04 18.39
N LEU A 73 -15.51 -4.54 17.32
CA LEU A 73 -15.52 -5.96 17.03
C LEU A 73 -14.07 -6.48 17.11
N GLY A 74 -13.89 -7.67 17.70
CA GLY A 74 -12.60 -8.36 17.72
C GLY A 74 -12.71 -9.78 17.22
N LEU A 75 -11.66 -10.55 17.45
CA LEU A 75 -11.58 -11.94 16.97
C LEU A 75 -12.87 -12.77 17.24
N ASN A 76 -13.39 -12.70 18.46
CA ASN A 76 -14.47 -13.62 18.86
C ASN A 76 -15.80 -13.24 18.24
N ASP A 77 -15.96 -11.96 17.87
CA ASP A 77 -17.11 -11.49 17.13
C ASP A 77 -17.11 -11.99 15.67
N TYR A 78 -15.92 -12.03 15.07
CA TYR A 78 -15.81 -12.37 13.66
C TYR A 78 -15.69 -13.88 13.44
N LYS A 79 -15.14 -14.59 14.41
CA LYS A 79 -14.75 -16.00 14.27
C LYS A 79 -15.94 -16.86 13.80
N ASP A 80 -15.75 -17.71 12.79
CA ASP A 80 -16.66 -18.84 12.53
C ASP A 80 -16.73 -19.74 13.78
N PRO A 81 -17.90 -20.31 14.06
CA PRO A 81 -17.96 -21.18 15.26
C PRO A 81 -17.00 -22.37 15.26
N GLU A 82 -16.57 -22.86 14.10
CA GLU A 82 -15.62 -23.97 14.07
C GLU A 82 -14.16 -23.53 14.18
N TYR A 83 -13.88 -22.22 14.07
CA TYR A 83 -12.49 -21.78 14.00
C TYR A 83 -11.99 -21.76 15.41
N ASP A 84 -10.76 -22.22 15.57
CA ASP A 84 -10.02 -22.15 16.84
C ASP A 84 -8.55 -22.01 16.50
N LEU A 85 -7.91 -20.88 16.83
CA LEU A 85 -6.47 -20.70 16.54
C LEU A 85 -5.61 -21.87 17.03
N ASP A 86 -5.89 -22.35 18.23
CA ASP A 86 -5.09 -23.45 18.80
C ASP A 86 -5.12 -24.62 17.88
N LYS A 87 -6.32 -24.94 17.40
CA LYS A 87 -6.50 -26.10 16.50
C LYS A 87 -5.92 -25.87 15.11
N TYR A 88 -6.03 -24.64 14.61
CA TYR A 88 -5.40 -24.30 13.32
C TYR A 88 -3.89 -24.56 13.40
N LEU A 89 -3.27 -24.08 14.46
CA LEU A 89 -1.82 -24.25 14.60
C LEU A 89 -1.39 -25.72 14.74
N LYS A 90 -2.12 -26.50 15.54
CA LYS A 90 -1.84 -27.97 15.63
C LYS A 90 -2.12 -28.69 14.30
N ALA A 91 -3.21 -28.38 13.61
CA ALA A 91 -3.42 -28.92 12.24
C ALA A 91 -2.26 -28.74 11.25
N TYR A 92 -1.74 -27.51 11.15
CA TYR A 92 -0.86 -27.13 10.04
C TYR A 92 0.65 -27.01 10.36
N ASP A 93 1.01 -27.35 11.58
CA ASP A 93 2.39 -27.49 12.00
C ASP A 93 3.23 -28.31 11.03
N PRO A 94 4.30 -27.70 10.47
CA PRO A 94 5.09 -28.41 9.46
C PRO A 94 5.71 -29.73 9.92
N SER A 95 5.87 -29.90 11.23
CA SER A 95 6.45 -31.17 11.75
C SER A 95 5.46 -32.36 11.76
N THR A 96 4.17 -32.12 11.55
CA THR A 96 3.15 -33.13 11.42
C THR A 96 2.38 -33.00 10.12
N TRP A 97 1.98 -31.79 9.71
CA TRP A 97 1.30 -31.53 8.42
C TRP A 97 2.26 -31.59 7.17
N GLY A 98 3.53 -31.29 7.36
CA GLY A 98 4.45 -31.12 6.24
C GLY A 98 4.22 -29.78 5.51
N LYS A 99 4.53 -29.75 4.24
CA LYS A 99 4.54 -28.52 3.46
C LYS A 99 3.39 -28.43 2.48
N LYS A 100 2.44 -29.35 2.58
CA LYS A 100 1.21 -29.28 1.76
C LYS A 100 0.30 -28.15 2.22
N GLU A 101 -0.43 -27.60 1.25
CA GLU A 101 -1.35 -26.48 1.48
C GLU A 101 -2.31 -26.92 2.58
N PRO A 102 -2.57 -26.06 3.58
CA PRO A 102 -3.59 -26.33 4.60
C PRO A 102 -4.94 -26.62 3.96
N SER A 103 -5.65 -27.60 4.50
CA SER A 103 -6.94 -28.01 4.02
C SER A 103 -7.66 -28.72 5.13
N GLY A 104 -8.93 -28.94 4.93
CA GLY A 104 -9.75 -29.48 5.97
C GLY A 104 -10.38 -28.44 6.91
N THR A 105 -10.79 -28.92 8.06
CA THR A 105 -11.68 -28.22 8.92
C THR A 105 -11.20 -26.83 9.31
N GLN A 106 -9.98 -26.72 9.88
CA GLN A 106 -9.61 -25.43 10.38
C GLN A 106 -9.29 -24.41 9.30
N GLU A 107 -8.66 -24.77 8.21
CA GLU A 107 -8.50 -23.83 7.09
C GLU A 107 -9.82 -23.31 6.52
N GLU A 108 -10.79 -24.20 6.35
CA GLU A 108 -12.14 -23.78 5.95
C GLU A 108 -12.79 -22.79 6.94
N ALA A 109 -12.66 -23.11 8.22
CA ALA A 109 -13.24 -22.28 9.31
C ALA A 109 -12.51 -20.94 9.29
N ARG A 110 -11.20 -20.98 9.09
CA ARG A 110 -10.39 -19.78 8.95
C ARG A 110 -10.84 -18.94 7.76
N ALA A 111 -11.06 -19.54 6.61
CA ALA A 111 -11.43 -18.74 5.44
C ALA A 111 -12.75 -18.00 5.70
N ARG A 112 -13.71 -18.71 6.29
CA ARG A 112 -15.05 -18.12 6.54
C ARG A 112 -14.92 -17.01 7.60
N SER A 113 -14.06 -17.20 8.60
CA SER A 113 -13.82 -16.17 9.60
C SER A 113 -13.35 -14.85 8.95
N GLN A 114 -12.37 -14.99 8.05
CA GLN A 114 -11.76 -13.92 7.35
C GLN A 114 -12.76 -13.14 6.48
N LYS A 115 -13.62 -13.88 5.81
CA LYS A 115 -14.76 -13.28 5.08
C LYS A 115 -15.71 -12.42 5.97
N ASN A 116 -16.01 -12.90 7.16
CA ASN A 116 -16.78 -12.16 8.11
C ASN A 116 -16.09 -10.83 8.44
N GLN A 117 -14.79 -10.84 8.71
CA GLN A 117 -14.09 -9.59 8.99
C GLN A 117 -14.06 -8.67 7.78
N LYS A 118 -13.85 -9.28 6.61
CA LYS A 118 -13.72 -8.55 5.37
C LYS A 118 -14.97 -7.72 5.05
N ALA A 119 -16.12 -8.31 5.33
CA ALA A 119 -17.41 -7.67 5.09
C ALA A 119 -17.51 -6.36 5.89
N ARG A 120 -16.79 -6.25 7.02
CA ARG A 120 -16.77 -5.04 7.85
C ARG A 120 -15.67 -4.06 7.48
N VAL A 121 -14.42 -4.55 7.30
CA VAL A 121 -13.24 -3.67 7.18
C VAL A 121 -12.99 -3.15 5.77
N MET A 122 -13.37 -3.94 4.74
CA MET A 122 -13.10 -3.59 3.38
C MET A 122 -14.27 -2.86 2.79
N VAL A 123 -14.00 -1.67 2.26
CA VAL A 123 -15.05 -0.87 1.68
C VAL A 123 -14.60 -0.46 0.27
N ASP A 124 -15.50 -0.57 -0.70
CA ASP A 124 -15.23 -0.22 -2.08
C ASP A 124 -15.47 1.24 -2.38
N ILE A 125 -14.54 1.85 -3.09
CA ILE A 125 -14.68 3.26 -3.38
C ILE A 125 -15.21 3.41 -4.84
N PRO A 126 -16.41 3.91 -5.00
CA PRO A 126 -16.95 4.02 -6.39
C PRO A 126 -16.28 5.14 -7.21
N ALA A 127 -16.55 5.13 -8.51
CA ALA A 127 -15.96 6.12 -9.42
C ALA A 127 -16.33 7.57 -9.06
N ASN A 128 -15.43 8.48 -9.45
CA ASN A 128 -15.62 9.93 -9.34
C ASN A 128 -15.85 10.38 -7.90
N THR A 129 -14.88 10.07 -7.05
CA THR A 129 -15.00 10.24 -5.58
C THR A 129 -13.74 10.90 -5.09
N THR A 130 -13.89 11.96 -4.28
CA THR A 130 -12.77 12.51 -3.54
C THR A 130 -13.05 12.29 -2.03
N ILE A 131 -12.12 11.62 -1.38
CA ILE A 131 -12.12 11.46 0.07
C ILE A 131 -10.90 12.18 0.60
N VAL A 132 -11.11 13.14 1.50
CA VAL A 132 -10.05 13.98 2.08
C VAL A 132 -10.26 14.15 3.59
N GLY A 133 -9.17 14.15 4.34
CA GLY A 133 -9.29 14.37 5.72
C GLY A 133 -9.47 15.86 6.03
N SER A 134 -10.34 16.15 7.00
CA SER A 134 -10.48 17.49 7.59
C SER A 134 -9.49 17.72 8.73
N GLY A 135 -8.92 18.90 8.76
CA GLY A 135 -7.96 19.23 9.81
C GLY A 135 -6.74 18.34 9.74
N THR A 136 -6.12 18.10 10.88
CA THR A 136 -4.82 17.43 10.91
C THR A 136 -4.86 16.03 11.55
N ASN A 137 -6.06 15.56 11.91
CA ASN A 137 -6.21 14.31 12.66
C ASN A 137 -7.27 13.36 12.09
N ALA A 138 -7.55 13.47 10.80
CA ALA A 138 -8.43 12.54 10.16
C ALA A 138 -7.76 11.17 10.10
N LYS A 139 -8.43 10.13 10.61
CA LYS A 139 -7.80 8.79 10.60
C LYS A 139 -8.76 7.72 10.17
N VAL A 140 -8.25 6.71 9.47
CA VAL A 140 -9.00 5.45 9.21
C VAL A 140 -8.21 4.33 9.91
N VAL A 141 -8.85 3.69 10.89
CA VAL A 141 -8.21 2.65 11.72
C VAL A 141 -8.89 1.29 11.41
N GLY A 142 -8.09 0.28 11.02
CA GLY A 142 -8.62 -1.03 10.69
C GLY A 142 -9.15 -1.22 9.28
N GLY A 143 -9.38 -0.14 8.52
CA GLY A 143 -10.04 -0.24 7.20
C GLY A 143 -9.12 -0.53 6.05
N ASN A 144 -9.68 -1.14 5.02
CA ASN A 144 -8.99 -1.37 3.72
C ASN A 144 -9.94 -0.71 2.69
N PHE A 145 -9.54 0.43 2.15
CA PHE A 145 -10.28 1.04 1.02
C PHE A 145 -9.87 0.21 -0.20
N GLN A 146 -10.85 -0.27 -0.94
CA GLN A 146 -10.61 -0.97 -2.21
C GLN A 146 -11.18 -0.12 -3.36
N ILE A 147 -10.34 0.08 -4.38
CA ILE A 147 -10.70 0.93 -5.49
C ILE A 147 -10.59 0.07 -6.73
N LYS A 148 -11.76 -0.26 -7.28
CA LYS A 148 -11.86 -1.06 -8.52
C LYS A 148 -12.30 -0.18 -9.68
N SER A 149 -12.49 1.11 -9.37
CA SER A 149 -13.20 2.05 -10.22
C SER A 149 -12.25 3.11 -10.74
N ASP A 150 -12.75 3.97 -11.62
CA ASP A 150 -11.93 5.03 -12.21
C ASP A 150 -12.13 6.34 -11.46
N ASN A 151 -11.07 7.14 -11.37
CA ASN A 151 -11.18 8.57 -10.99
C ASN A 151 -11.45 8.83 -9.51
N VAL A 152 -10.40 8.60 -8.70
CA VAL A 152 -10.55 8.61 -7.25
C VAL A 152 -9.36 9.32 -6.65
N ILE A 153 -9.66 10.23 -5.73
CA ILE A 153 -8.63 11.04 -4.96
C ILE A 153 -8.77 10.70 -3.51
N ILE A 154 -7.63 10.40 -2.86
CA ILE A 154 -7.66 10.11 -1.44
C ILE A 154 -6.53 10.93 -0.84
N ARG A 155 -6.84 11.84 0.07
CA ARG A 155 -5.80 12.74 0.62
C ARG A 155 -6.04 13.11 2.06
N ASN A 156 -4.92 13.42 2.73
CA ASN A 156 -4.85 14.03 4.03
C ASN A 156 -5.48 13.19 5.14
N ILE A 157 -5.28 11.87 5.04
CA ILE A 157 -5.79 10.88 6.01
C ILE A 157 -4.64 10.02 6.59
N GLU A 158 -4.64 9.80 7.90
CA GLU A 158 -3.74 8.82 8.50
C GLU A 158 -4.43 7.45 8.55
N PHE A 159 -3.91 6.50 7.78
CA PHE A 159 -4.45 5.11 7.78
C PHE A 159 -3.63 4.28 8.76
N GLN A 160 -4.28 3.63 9.69
CA GLN A 160 -3.55 2.85 10.66
C GLN A 160 -4.06 1.40 10.73
N ASP A 161 -3.11 0.46 10.73
CA ASP A 161 -3.33 -0.90 11.37
C ASP A 161 -4.46 -1.68 10.70
N ALA A 162 -4.22 -1.99 9.44
CA ALA A 162 -5.19 -2.75 8.65
C ALA A 162 -4.92 -4.19 9.04
N TYR A 163 -5.62 -4.59 10.10
CA TYR A 163 -5.34 -5.76 10.91
C TYR A 163 -6.25 -6.95 10.59
N ASP A 164 -5.62 -8.09 10.33
CA ASP A 164 -6.37 -9.33 10.00
C ASP A 164 -6.28 -10.32 11.16
N TYR A 165 -7.45 -10.64 11.78
CA TYR A 165 -7.51 -11.58 12.95
C TYR A 165 -7.23 -13.02 12.55
N PHE A 166 -7.24 -13.31 11.24
CA PHE A 166 -7.16 -14.66 10.71
C PHE A 166 -6.08 -14.90 9.64
N PRO A 167 -4.80 -14.58 9.96
CA PRO A 167 -3.77 -14.83 8.95
C PRO A 167 -3.72 -16.28 8.48
N GLN A 168 -3.45 -16.45 7.20
CA GLN A 168 -3.34 -17.76 6.61
C GLN A 168 -1.93 -18.23 6.64
N TRP A 169 -1.75 -19.50 6.96
CA TRP A 169 -0.44 -20.17 6.83
C TRP A 169 -0.21 -20.66 5.41
N ASP A 170 0.94 -20.31 4.81
CA ASP A 170 1.25 -20.77 3.45
C ASP A 170 2.67 -21.40 3.53
N PRO A 171 2.74 -22.73 3.70
CA PRO A 171 4.04 -23.42 3.74
C PRO A 171 4.74 -23.53 2.38
N THR A 172 4.09 -23.19 1.28
CA THR A 172 4.76 -23.24 -0.03
C THR A 172 5.50 -21.91 -0.38
N ASP A 173 5.42 -20.90 0.48
CA ASP A 173 5.85 -19.53 0.17
C ASP A 173 7.23 -19.42 0.76
N GLY A 174 8.24 -19.61 -0.09
CA GLY A 174 9.61 -19.64 0.33
C GLY A 174 9.95 -20.95 0.99
N SER A 175 11.16 -21.00 1.54
CA SER A 175 11.74 -22.22 2.07
C SER A 175 11.23 -22.59 3.46
N SER A 176 10.86 -21.62 4.28
CA SER A 176 10.18 -22.03 5.50
C SER A 176 8.75 -21.52 5.59
N GLY A 177 8.17 -21.06 4.48
CA GLY A 177 6.75 -20.68 4.50
C GLY A 177 6.59 -19.27 5.07
N ASN A 178 5.39 -18.75 4.95
CA ASN A 178 5.02 -17.50 5.57
C ASN A 178 3.57 -17.47 5.98
N TRP A 179 3.27 -16.61 6.97
CA TRP A 179 1.91 -16.16 7.26
C TRP A 179 1.53 -14.97 6.40
N ASN A 180 0.29 -14.97 5.87
CA ASN A 180 -0.19 -13.84 5.02
C ASN A 180 -1.57 -13.37 5.45
N SER A 181 -1.75 -12.07 5.45
CA SER A 181 -2.97 -11.45 5.81
C SER A 181 -3.57 -10.76 4.58
N GLN A 182 -4.81 -10.32 4.64
CA GLN A 182 -5.57 -9.89 3.45
C GLN A 182 -5.65 -8.39 3.26
N TYR A 183 -5.50 -7.65 4.35
CA TYR A 183 -5.88 -6.23 4.39
C TYR A 183 -4.72 -5.27 4.20
N ASP A 184 -4.86 -4.42 3.18
CA ASP A 184 -4.02 -3.22 2.95
C ASP A 184 -4.74 -2.03 3.52
N ASN A 185 -4.07 -0.89 3.64
CA ASN A 185 -4.80 0.33 3.95
C ASN A 185 -5.58 0.76 2.70
N ILE A 186 -4.91 0.69 1.55
CA ILE A 186 -5.57 0.89 0.26
C ILE A 186 -5.16 -0.15 -0.73
N THR A 187 -6.15 -0.76 -1.39
CA THR A 187 -5.89 -1.77 -2.46
C THR A 187 -6.49 -1.24 -3.71
N ILE A 188 -5.68 -1.02 -4.72
CA ILE A 188 -6.17 -0.61 -6.03
C ILE A 188 -6.29 -1.90 -6.90
N ASN A 189 -7.48 -2.48 -6.91
CA ASN A 189 -7.78 -3.74 -7.51
C ASN A 189 -8.49 -3.46 -8.84
N GLY A 190 -7.67 -3.20 -9.86
CA GLY A 190 -8.13 -2.93 -11.22
C GLY A 190 -8.56 -1.51 -11.36
N GLY A 191 -8.39 -0.69 -10.32
CA GLY A 191 -8.77 0.74 -10.40
C GLY A 191 -7.82 1.56 -11.30
N THR A 192 -8.31 2.69 -11.78
CA THR A 192 -7.59 3.57 -12.71
C THR A 192 -7.81 5.06 -12.41
N HIS A 193 -6.83 5.89 -12.72
CA HIS A 193 -6.95 7.32 -12.48
C HIS A 193 -7.14 7.63 -11.00
N ILE A 194 -6.09 7.38 -10.23
CA ILE A 194 -6.10 7.46 -8.77
C ILE A 194 -4.96 8.34 -8.32
N TRP A 195 -5.25 9.19 -7.37
CA TRP A 195 -4.29 10.03 -6.72
C TRP A 195 -4.42 9.77 -5.22
N ILE A 196 -3.30 9.34 -4.63
CA ILE A 196 -3.14 9.17 -3.20
C ILE A 196 -2.06 10.14 -2.80
N ASP A 197 -2.43 11.13 -1.99
CA ASP A 197 -1.52 12.23 -1.68
C ASP A 197 -1.64 12.66 -0.24
N HIS A 198 -0.49 13.05 0.34
CA HIS A 198 -0.45 13.55 1.71
C HIS A 198 -1.22 12.65 2.67
N CYS A 199 -1.11 11.34 2.48
CA CYS A 199 -1.60 10.40 3.49
C CYS A 199 -0.48 9.85 4.38
N THR A 200 -0.81 9.31 5.53
CA THR A 200 0.14 8.59 6.37
C THR A 200 -0.34 7.18 6.53
N PHE A 201 0.61 6.24 6.48
CA PHE A 201 0.36 4.81 6.61
C PHE A 201 1.24 4.14 7.68
N ASN A 202 0.64 3.53 8.68
CA ASN A 202 1.42 2.86 9.71
C ASN A 202 0.61 1.71 10.32
N ASP A 203 1.19 1.09 11.32
CA ASP A 203 0.57 -0.06 11.95
C ASP A 203 -0.07 0.25 13.28
N GLY A 204 -0.31 1.52 13.56
CA GLY A 204 -1.09 1.97 14.74
C GLY A 204 -0.50 1.52 16.07
N SER A 205 -1.37 1.00 16.95
CA SER A 205 -0.97 0.55 18.28
C SER A 205 -0.63 -0.97 18.31
N ARG A 206 -0.63 -1.64 17.14
CA ARG A 206 -0.28 -3.06 17.01
C ARG A 206 0.88 -3.33 16.05
N PRO A 207 2.10 -2.79 16.37
CA PRO A 207 3.24 -3.06 15.52
C PRO A 207 3.59 -4.54 15.50
N ASP A 208 4.28 -4.97 14.45
CA ASP A 208 4.59 -6.38 14.24
C ASP A 208 5.44 -7.00 15.38
N SER A 209 6.16 -6.20 16.14
CA SER A 209 6.88 -6.65 17.28
C SER A 209 5.98 -7.22 18.42
N THR A 210 4.70 -6.86 18.45
CA THR A 210 3.78 -7.43 19.40
C THR A 210 3.11 -8.71 18.85
N SER A 211 3.51 -9.17 17.66
CA SER A 211 3.04 -10.45 17.13
C SER A 211 4.01 -11.54 17.49
N PRO A 212 3.48 -12.71 17.80
CA PRO A 212 4.36 -13.82 18.06
C PRO A 212 4.95 -14.41 16.77
N LYS A 213 5.89 -15.33 16.92
CA LYS A 213 6.26 -16.21 15.82
C LYS A 213 5.59 -17.59 15.95
N TYR A 214 5.05 -18.10 14.85
CA TYR A 214 4.48 -19.44 14.83
C TYR A 214 5.15 -20.15 13.69
N TYR A 215 5.62 -21.37 13.99
CA TYR A 215 6.42 -22.20 13.08
C TYR A 215 7.69 -21.47 12.70
N GLY A 216 8.20 -20.63 13.59
CA GLY A 216 9.39 -19.83 13.31
C GLY A 216 9.18 -18.61 12.42
N ARG A 217 7.95 -18.30 11.98
CA ARG A 217 7.69 -17.15 11.10
C ARG A 217 6.74 -16.18 11.78
N LYS A 218 6.92 -14.89 11.52
CA LYS A 218 6.10 -13.88 12.17
C LYS A 218 4.62 -14.15 11.84
N TYR A 219 3.77 -14.20 12.88
CA TYR A 219 2.31 -14.31 12.74
C TYR A 219 1.79 -12.96 12.29
N GLN A 220 1.89 -12.74 10.99
CA GLN A 220 1.70 -11.42 10.37
C GLN A 220 0.22 -11.07 10.21
N HIS A 221 -0.25 -10.07 10.98
CA HIS A 221 -1.61 -9.52 10.89
C HIS A 221 -1.80 -8.46 9.84
N HIS A 222 -0.72 -7.96 9.26
CA HIS A 222 -0.80 -6.86 8.28
C HIS A 222 -0.44 -7.34 6.92
N ASP A 223 -0.83 -6.59 5.87
CA ASP A 223 -0.34 -6.91 4.53
C ASP A 223 0.26 -5.65 3.94
N GLY A 224 -0.26 -5.12 2.84
CA GLY A 224 0.32 -3.89 2.29
C GLY A 224 -0.20 -2.61 2.90
N GLN A 225 0.35 -1.51 2.40
CA GLN A 225 -0.12 -0.16 2.72
C GLN A 225 -0.92 0.36 1.54
N THR A 226 -0.26 0.58 0.41
CA THR A 226 -0.94 0.96 -0.85
C THR A 226 -0.48 -0.05 -1.95
N ASP A 227 -1.35 -1.01 -2.26
CA ASP A 227 -1.02 -2.06 -3.25
C ASP A 227 -1.82 -1.84 -4.51
N ALA A 228 -1.38 -2.44 -5.60
CA ALA A 228 -2.08 -2.37 -6.89
C ALA A 228 -2.02 -3.69 -7.60
N SER A 229 -3.17 -4.14 -8.10
CA SER A 229 -3.24 -5.42 -8.73
C SER A 229 -4.24 -5.43 -9.85
N ASN A 230 -4.26 -6.54 -10.58
CA ASN A 230 -5.32 -6.85 -11.51
C ASN A 230 -5.59 -5.74 -12.48
N GLY A 231 -4.54 -5.28 -13.13
CA GLY A 231 -4.71 -4.33 -14.24
C GLY A 231 -4.96 -2.90 -13.75
N ALA A 232 -4.69 -2.60 -12.48
CA ALA A 232 -4.68 -1.21 -12.01
C ALA A 232 -3.76 -0.36 -12.89
N ASN A 233 -4.13 0.90 -13.11
CA ASN A 233 -3.45 1.73 -14.08
C ASN A 233 -3.69 3.23 -13.88
N TYR A 234 -2.65 4.01 -14.18
CA TYR A 234 -2.74 5.44 -14.23
C TYR A 234 -2.93 6.04 -12.80
N ILE A 235 -1.84 5.96 -12.05
CA ILE A 235 -1.90 6.23 -10.62
C ILE A 235 -0.72 7.12 -10.19
N THR A 236 -1.01 8.15 -9.40
CA THR A 236 0.04 8.94 -8.78
C THR A 236 -0.06 8.87 -7.25
N MET A 237 1.03 8.45 -6.59
CA MET A 237 1.10 8.49 -5.12
C MET A 237 2.23 9.42 -4.73
N SER A 238 1.87 10.53 -4.08
CA SER A 238 2.77 11.67 -3.81
C SER A 238 2.66 12.18 -2.37
N TYR A 239 3.80 12.51 -1.79
CA TYR A 239 3.84 13.15 -0.48
C TYR A 239 3.19 12.32 0.60
N ASN A 240 3.36 11.00 0.54
CA ASN A 240 2.80 10.18 1.60
C ASN A 240 3.92 9.76 2.55
N TYR A 241 3.52 9.33 3.73
CA TYR A 241 4.48 8.99 4.78
C TYR A 241 4.17 7.57 5.24
N TYR A 242 4.96 6.65 4.76
CA TYR A 242 4.87 5.30 5.14
C TYR A 242 5.85 5.02 6.25
N HIS A 243 5.36 4.48 7.37
CA HIS A 243 6.30 4.19 8.42
C HIS A 243 5.94 3.04 9.32
N ASP A 244 6.98 2.35 9.82
CA ASP A 244 6.86 1.35 10.89
C ASP A 244 5.89 0.23 10.47
N HIS A 245 6.30 -0.42 9.39
CA HIS A 245 5.48 -1.40 8.70
C HIS A 245 6.39 -2.35 7.91
N ASP A 246 5.94 -3.59 7.70
CA ASP A 246 6.75 -4.58 6.94
C ASP A 246 6.61 -4.45 5.41
N LYS A 247 5.51 -4.91 4.82
CA LYS A 247 5.35 -4.91 3.35
C LYS A 247 4.61 -3.65 2.86
N SER A 248 5.32 -2.67 2.31
CA SER A 248 4.68 -1.37 1.98
C SER A 248 3.80 -1.35 0.72
N SER A 249 4.35 -1.64 -0.45
CA SER A 249 3.72 -1.28 -1.73
C SER A 249 4.04 -2.32 -2.79
N ILE A 250 3.07 -3.21 -3.08
CA ILE A 250 3.25 -4.29 -4.04
C ILE A 250 2.42 -3.98 -5.26
N PHE A 251 3.06 -3.91 -6.42
CA PHE A 251 2.40 -3.53 -7.69
C PHE A 251 2.53 -4.71 -8.64
N GLY A 252 1.41 -5.41 -8.82
CA GLY A 252 1.43 -6.71 -9.56
C GLY A 252 1.45 -7.87 -8.59
N SER A 253 0.34 -8.58 -8.47
CA SER A 253 0.22 -9.60 -7.44
C SER A 253 0.77 -11.00 -7.82
N SER A 254 1.06 -11.25 -9.10
CA SER A 254 1.47 -12.59 -9.49
C SER A 254 2.25 -12.59 -10.80
N ASP A 255 3.32 -13.39 -10.86
CA ASP A 255 4.00 -13.68 -12.11
C ASP A 255 3.11 -14.31 -13.22
N SER A 256 2.04 -15.00 -12.84
CA SER A 256 1.08 -15.56 -13.78
C SER A 256 0.12 -14.51 -14.39
N LYS A 257 -0.10 -13.41 -13.67
CA LYS A 257 -0.95 -12.30 -14.18
C LYS A 257 -0.23 -11.39 -15.16
N THR A 258 0.20 -11.97 -16.27
CA THR A 258 0.75 -11.25 -17.40
C THR A 258 -0.21 -10.26 -18.10
N SER A 259 -1.52 -10.29 -17.82
CA SER A 259 -2.42 -9.17 -18.18
C SER A 259 -2.08 -7.82 -17.49
N ASP A 260 -1.27 -7.85 -16.42
CA ASP A 260 -0.70 -6.65 -15.86
C ASP A 260 0.34 -5.98 -16.78
N ASP A 261 0.92 -6.71 -17.75
CA ASP A 261 1.80 -6.12 -18.77
C ASP A 261 1.14 -4.95 -19.58
N GLY A 262 1.80 -3.79 -19.65
CA GLY A 262 1.21 -2.58 -20.24
C GLY A 262 0.29 -1.77 -19.30
N LYS A 263 0.18 -2.22 -18.06
CA LYS A 263 -0.60 -1.59 -17.01
C LYS A 263 0.29 -1.37 -15.81
N LEU A 264 -0.30 -1.13 -14.64
CA LEU A 264 0.46 -0.75 -13.47
C LEU A 264 1.40 0.47 -13.76
N LYS A 265 0.87 1.40 -14.57
CA LYS A 265 1.51 2.68 -14.79
C LYS A 265 1.28 3.62 -13.60
N ILE A 266 2.32 3.69 -12.75
CA ILE A 266 2.19 4.31 -11.44
C ILE A 266 3.37 5.24 -11.26
N THR A 267 3.11 6.42 -10.65
CA THR A 267 4.16 7.36 -10.33
C THR A 267 4.25 7.54 -8.84
N LEU A 268 5.45 7.34 -8.30
CA LEU A 268 5.68 7.54 -6.87
C LEU A 268 6.68 8.66 -6.75
N HIS A 269 6.28 9.75 -6.08
CA HIS A 269 7.17 10.89 -5.87
C HIS A 269 6.94 11.58 -4.54
N HIS A 270 8.04 11.99 -3.95
CA HIS A 270 8.07 12.71 -2.69
C HIS A 270 7.45 11.94 -1.53
N ASN A 271 7.52 10.61 -1.58
CA ASN A 271 7.09 9.81 -0.45
C ASN A 271 8.25 9.56 0.51
N ARG A 272 7.89 9.38 1.76
CA ARG A 272 8.81 9.04 2.84
C ARG A 272 8.52 7.57 3.31
N TYR A 273 9.58 6.77 3.33
CA TYR A 273 9.55 5.39 3.84
C TYR A 273 10.53 5.26 4.99
N LYS A 274 10.01 5.28 6.21
CA LYS A 274 10.81 5.24 7.45
C LYS A 274 10.46 3.97 8.18
N ASN A 275 11.47 3.18 8.48
CA ASN A 275 11.26 1.88 9.13
C ASN A 275 10.26 1.01 8.38
N ILE A 276 10.48 0.90 7.08
CA ILE A 276 9.79 0.02 6.19
C ILE A 276 10.74 -1.11 5.88
N VAL A 277 10.28 -2.35 6.07
CA VAL A 277 11.14 -3.51 5.89
C VAL A 277 11.42 -3.74 4.42
N GLN A 278 10.36 -3.75 3.60
CA GLN A 278 10.47 -4.21 2.26
C GLN A 278 9.38 -3.72 1.36
N ARG A 279 9.60 -3.91 0.06
CA ARG A 279 8.63 -3.68 -1.03
C ARG A 279 8.15 -2.24 -1.15
N ALA A 280 9.01 -1.39 -1.63
CA ALA A 280 8.76 -0.01 -1.55
C ALA A 280 9.19 0.74 -2.81
N PRO A 281 8.68 0.33 -3.99
CA PRO A 281 7.74 -0.77 -4.17
C PRO A 281 8.38 -2.12 -4.65
N ARG A 282 7.63 -3.20 -4.56
CA ARG A 282 7.92 -4.42 -5.31
C ARG A 282 7.00 -4.44 -6.54
N VAL A 283 7.62 -4.55 -7.71
CA VAL A 283 6.93 -4.37 -8.96
C VAL A 283 7.07 -5.63 -9.83
N ARG A 284 5.92 -6.09 -10.35
CA ARG A 284 5.87 -6.94 -11.55
C ARG A 284 5.21 -6.11 -12.68
N PHE A 285 5.82 -6.19 -13.87
CA PHE A 285 5.28 -5.74 -15.17
C PHE A 285 5.20 -4.23 -15.40
N GLY A 286 4.90 -3.48 -14.36
CA GLY A 286 4.57 -2.04 -14.54
C GLY A 286 5.70 -1.10 -14.97
N GLN A 287 5.29 -0.12 -15.76
CA GLN A 287 6.12 1.09 -16.01
C GLN A 287 5.93 2.07 -14.80
N VAL A 288 6.86 2.02 -13.85
CA VAL A 288 6.68 2.72 -12.61
C VAL A 288 7.78 3.81 -12.46
N HIS A 289 7.34 5.05 -12.42
CA HIS A 289 8.26 6.19 -12.29
C HIS A 289 8.38 6.46 -10.82
N VAL A 290 9.59 6.31 -10.29
CA VAL A 290 9.89 6.48 -8.85
C VAL A 290 10.90 7.60 -8.71
N TYR A 291 10.51 8.76 -8.16
CA TYR A 291 11.39 9.91 -8.14
C TYR A 291 11.23 10.76 -6.87
N ASN A 292 12.36 11.27 -6.40
CA ASN A 292 12.39 12.15 -5.27
C ASN A 292 11.73 11.52 -4.00
N ASN A 293 11.91 10.24 -3.78
CA ASN A 293 11.50 9.60 -2.56
C ASN A 293 12.65 9.44 -1.60
N TYR A 294 12.31 9.51 -0.30
CA TYR A 294 13.29 9.41 0.76
C TYR A 294 13.00 8.15 1.59
N TYR A 295 14.04 7.34 1.78
CA TYR A 295 13.96 6.08 2.49
C TYR A 295 14.97 6.17 3.62
N GLU A 296 14.50 5.90 4.82
CA GLU A 296 15.32 5.90 6.02
C GLU A 296 14.98 4.69 6.94
N GLY A 297 16.01 4.09 7.49
CA GLY A 297 15.83 2.90 8.35
C GLY A 297 17.16 2.35 8.86
N SER A 298 17.07 1.24 9.59
CA SER A 298 18.23 0.54 10.16
C SER A 298 18.11 -0.93 9.82
N THR A 299 19.19 -1.55 9.34
CA THR A 299 19.23 -3.04 9.19
C THR A 299 19.24 -3.78 10.54
N SER A 300 19.49 -3.09 11.63
CA SER A 300 19.56 -3.77 12.96
C SER A 300 18.44 -3.36 13.91
N SER A 301 17.38 -2.74 13.41
CA SER A 301 16.24 -2.37 14.25
C SER A 301 15.59 -3.67 14.73
N SER A 302 15.03 -3.66 15.93
CA SER A 302 14.33 -4.85 16.42
C SER A 302 12.85 -4.88 16.06
N SER A 303 12.32 -3.84 15.43
CA SER A 303 10.89 -3.87 15.12
C SER A 303 10.63 -4.04 13.63
N TYR A 304 11.24 -3.17 12.85
CA TYR A 304 11.08 -3.20 11.41
C TYR A 304 12.43 -2.96 10.70
N PRO A 305 13.30 -3.94 10.70
CA PRO A 305 14.60 -3.76 10.05
C PRO A 305 14.50 -3.66 8.54
N PHE A 306 15.26 -2.71 7.99
CA PHE A 306 15.34 -2.53 6.56
C PHE A 306 15.91 -3.78 5.88
N SER A 307 15.22 -4.22 4.84
CA SER A 307 15.70 -5.34 4.04
C SER A 307 16.05 -4.90 2.60
N TYR A 308 15.09 -4.30 1.90
CA TYR A 308 15.38 -3.63 0.63
C TYR A 308 14.31 -2.53 0.37
N ALA A 309 14.62 -1.62 -0.58
CA ALA A 309 13.62 -0.65 -1.06
C ALA A 309 12.88 -1.14 -2.31
N TRP A 310 13.55 -1.35 -3.44
CA TRP A 310 12.87 -1.67 -4.70
C TRP A 310 13.00 -3.14 -4.99
N GLY A 311 11.86 -3.76 -5.28
CA GLY A 311 11.78 -5.20 -5.64
C GLY A 311 11.64 -5.29 -7.14
N ILE A 312 12.67 -5.84 -7.78
CA ILE A 312 12.72 -5.94 -9.24
C ILE A 312 12.12 -7.31 -9.63
N GLY A 313 10.80 -7.31 -9.78
CA GLY A 313 10.02 -8.53 -10.08
C GLY A 313 9.82 -8.69 -11.57
N LYS A 314 9.13 -9.75 -11.94
CA LYS A 314 9.11 -10.22 -13.31
C LYS A 314 8.71 -9.14 -14.27
N SER A 315 9.54 -8.90 -15.28
CA SER A 315 9.31 -7.91 -16.32
C SER A 315 8.96 -6.48 -15.86
N SER A 316 9.43 -6.13 -14.68
CA SER A 316 9.23 -4.81 -14.11
C SER A 316 10.04 -3.74 -14.91
N LYS A 317 9.50 -2.55 -14.99
CA LYS A 317 10.11 -1.46 -15.75
C LYS A 317 10.22 -0.20 -14.89
N ILE A 318 10.91 -0.32 -13.76
CA ILE A 318 11.08 0.83 -12.88
C ILE A 318 12.05 1.83 -13.51
N TYR A 319 11.62 3.09 -13.57
CA TYR A 319 12.44 4.20 -14.01
C TYR A 319 12.57 5.13 -12.81
N ALA A 320 13.75 5.09 -12.20
CA ALA A 320 13.99 5.76 -10.90
C ALA A 320 14.90 6.97 -11.06
N GLN A 321 14.54 8.11 -10.48
CA GLN A 321 15.35 9.34 -10.55
C GLN A 321 15.41 10.04 -9.21
N ASN A 322 16.64 10.36 -8.82
CA ASN A 322 16.87 11.28 -7.69
C ASN A 322 16.16 10.89 -6.41
N ASN A 323 16.36 9.64 -6.03
CA ASN A 323 15.83 9.11 -4.77
C ASN A 323 16.99 8.97 -3.77
N VAL A 324 16.68 9.05 -2.49
CA VAL A 324 17.67 9.15 -1.42
C VAL A 324 17.42 8.08 -0.36
N ILE A 325 18.46 7.28 -0.08
CA ILE A 325 18.36 6.17 0.88
C ILE A 325 19.38 6.33 1.96
N ASP A 326 18.88 6.41 3.20
CA ASP A 326 19.69 6.59 4.38
C ASP A 326 19.52 5.37 5.29
N VAL A 327 20.34 4.37 5.03
CA VAL A 327 20.36 3.15 5.78
C VAL A 327 21.82 2.79 6.06
N PRO A 328 22.34 3.20 7.20
CA PRO A 328 23.78 3.05 7.38
C PRO A 328 24.32 1.63 7.27
N GLY A 329 25.46 1.44 6.60
CA GLY A 329 26.05 0.11 6.47
C GLY A 329 25.54 -0.75 5.30
N LEU A 330 24.47 -0.32 4.66
CA LEU A 330 23.81 -1.14 3.69
C LEU A 330 24.70 -1.16 2.46
N SER A 331 24.88 -2.33 1.84
CA SER A 331 25.61 -2.41 0.59
C SER A 331 24.78 -1.85 -0.53
N ALA A 332 25.45 -1.24 -1.51
CA ALA A 332 24.75 -0.58 -2.62
C ALA A 332 23.82 -1.55 -3.33
N ALA A 333 24.26 -2.80 -3.51
CA ALA A 333 23.46 -3.76 -4.24
C ALA A 333 22.13 -4.05 -3.56
N LYS A 334 22.18 -4.06 -2.22
CA LYS A 334 21.08 -4.47 -1.37
C LYS A 334 20.03 -3.38 -1.21
N THR A 335 20.16 -2.26 -1.91
CA THR A 335 19.09 -1.26 -1.98
C THR A 335 17.90 -1.88 -2.68
N ILE A 336 18.18 -2.86 -3.52
CA ILE A 336 17.13 -3.57 -4.26
C ILE A 336 17.23 -5.08 -4.05
N SER A 337 16.16 -5.75 -4.43
CA SER A 337 16.11 -7.20 -4.41
C SER A 337 15.54 -7.61 -5.73
N VAL A 338 16.23 -8.52 -6.38
CA VAL A 338 15.82 -9.01 -7.70
C VAL A 338 15.17 -10.39 -7.59
N PHE A 339 14.03 -10.51 -8.23
CA PHE A 339 13.22 -11.77 -8.21
C PHE A 339 13.19 -12.35 -9.59
N SER A 340 12.66 -13.57 -9.70
CA SER A 340 12.74 -14.26 -10.97
C SER A 340 11.97 -13.46 -12.05
N GLY A 341 12.58 -13.36 -13.21
CA GLY A 341 12.10 -12.53 -14.30
C GLY A 341 12.44 -11.05 -14.21
N GLY A 342 13.07 -10.62 -13.12
CA GLY A 342 13.46 -9.23 -12.99
C GLY A 342 14.79 -9.04 -13.66
N THR A 343 14.85 -8.28 -14.74
CA THR A 343 16.10 -8.14 -15.50
C THR A 343 16.56 -6.69 -15.79
N ALA A 344 15.73 -5.70 -15.46
CA ALA A 344 15.98 -4.35 -15.87
C ALA A 344 15.51 -3.32 -14.82
N LEU A 345 16.30 -2.27 -14.73
CA LEU A 345 16.12 -1.16 -13.80
C LEU A 345 16.88 0.01 -14.36
N TYR A 346 16.17 1.12 -14.58
CA TYR A 346 16.87 2.37 -14.84
C TYR A 346 16.87 3.18 -13.54
N ASP A 347 18.04 3.62 -13.10
CA ASP A 347 18.15 4.48 -11.94
C ASP A 347 19.25 5.47 -12.12
N SER A 348 18.89 6.77 -11.95
CA SER A 348 19.88 7.86 -11.99
C SER A 348 19.71 8.70 -10.73
N GLY A 349 20.84 9.24 -10.26
CA GLY A 349 20.86 10.09 -9.08
C GLY A 349 20.54 9.45 -7.76
N THR A 350 20.64 8.15 -7.71
CA THR A 350 20.43 7.44 -6.44
C THR A 350 21.53 7.74 -5.44
N LEU A 351 21.13 8.24 -4.28
CA LEU A 351 22.03 8.47 -3.19
C LEU A 351 21.82 7.49 -2.06
N LEU A 352 22.86 6.75 -1.72
CA LEU A 352 22.85 5.85 -0.58
C LEU A 352 23.84 6.36 0.43
N ASN A 353 23.34 6.82 1.58
CA ASN A 353 24.24 7.29 2.67
C ASN A 353 25.23 8.36 2.17
N GLY A 354 24.65 9.30 1.38
CA GLY A 354 25.36 10.46 0.80
C GLY A 354 26.15 10.17 -0.48
N THR A 355 26.20 8.93 -0.90
CA THR A 355 27.15 8.54 -1.97
C THR A 355 26.34 8.18 -3.22
N GLN A 356 26.69 8.72 -4.40
CA GLN A 356 25.91 8.41 -5.61
C GLN A 356 26.22 6.99 -6.11
N ILE A 357 25.20 6.15 -6.15
CA ILE A 357 25.39 4.77 -6.56
C ILE A 357 24.53 4.55 -7.84
N ASN A 358 24.79 3.44 -8.48
CA ASN A 358 24.05 2.94 -9.64
C ASN A 358 23.56 1.55 -9.19
N ALA A 359 22.34 1.51 -8.69
CA ALA A 359 21.74 0.27 -8.12
C ALA A 359 21.59 -0.82 -9.18
N SER A 360 21.20 -0.38 -10.35
CA SER A 360 21.00 -1.30 -11.43
C SER A 360 22.31 -1.99 -11.77
N ALA A 361 23.36 -1.19 -11.99
CA ALA A 361 24.67 -1.77 -12.36
C ALA A 361 25.25 -2.64 -11.21
N ALA A 362 25.04 -2.25 -9.95
CA ALA A 362 25.57 -3.01 -8.79
C ALA A 362 24.97 -4.40 -8.74
N ASN A 363 23.81 -4.59 -9.33
CA ASN A 363 23.18 -5.92 -9.41
C ASN A 363 23.32 -6.64 -10.74
N GLY A 364 24.16 -6.10 -11.64
CA GLY A 364 24.28 -6.62 -13.03
C GLY A 364 23.02 -6.57 -13.91
N LEU A 365 22.12 -5.63 -13.66
CA LEU A 365 20.93 -5.51 -14.47
C LEU A 365 21.17 -4.72 -15.73
N SER A 366 20.25 -4.85 -16.69
CA SER A 366 20.20 -3.91 -17.82
C SER A 366 19.57 -2.62 -17.31
N SER A 367 19.99 -1.48 -17.84
CA SER A 367 19.36 -0.21 -17.51
C SER A 367 18.34 0.24 -18.59
N SER A 368 18.01 -0.66 -19.51
CA SER A 368 17.02 -0.42 -20.50
C SER A 368 15.62 -0.97 -20.14
N VAL A 369 14.73 -0.09 -19.68
CA VAL A 369 13.36 -0.46 -19.31
C VAL A 369 12.32 -0.25 -20.46
N GLY A 370 12.81 0.32 -21.60
CA GLY A 370 12.02 0.48 -22.83
C GLY A 370 10.98 1.59 -22.87
N TRP A 371 11.09 2.55 -21.95
CA TRP A 371 10.23 3.73 -21.90
C TRP A 371 10.96 4.78 -21.11
N THR A 372 10.50 6.01 -21.22
CA THR A 372 11.03 7.14 -20.49
C THR A 372 9.80 7.99 -20.07
N PRO A 373 9.63 8.31 -18.79
CA PRO A 373 8.45 9.13 -18.38
C PRO A 373 8.51 10.55 -18.97
N SER A 374 7.41 10.94 -19.59
CA SER A 374 7.22 12.32 -20.09
C SER A 374 6.38 13.15 -19.10
N LEU A 375 5.44 12.50 -18.43
CA LEU A 375 4.45 13.20 -17.60
C LEU A 375 4.86 13.28 -16.13
N HIS A 376 5.51 14.36 -15.71
CA HIS A 376 5.92 14.58 -14.33
C HIS A 376 6.03 16.06 -14.05
N GLY A 377 5.84 16.41 -12.78
CA GLY A 377 6.21 17.69 -12.24
C GLY A 377 7.72 17.87 -12.22
N SER A 378 8.17 19.06 -11.83
CA SER A 378 9.62 19.28 -11.77
C SER A 378 10.30 18.27 -10.82
N ILE A 379 11.43 17.76 -11.26
CA ILE A 379 12.26 16.85 -10.48
C ILE A 379 13.31 17.63 -9.66
N ASP A 380 13.28 17.43 -8.32
CA ASP A 380 14.21 18.09 -7.35
C ASP A 380 15.60 17.45 -7.60
N ALA A 381 16.67 18.22 -7.45
CA ALA A 381 17.97 17.57 -7.25
C ALA A 381 17.98 16.60 -6.03
N SER A 382 18.72 15.51 -6.12
CA SER A 382 18.79 14.58 -5.01
C SER A 382 19.16 15.27 -3.69
N ALA A 383 20.03 16.28 -3.74
CA ALA A 383 20.47 16.94 -2.52
C ALA A 383 19.34 17.56 -1.69
N ASN A 384 18.18 17.83 -2.29
CA ASN A 384 17.07 18.43 -1.55
C ASN A 384 15.92 17.51 -1.21
N VAL A 385 16.04 16.26 -1.59
CA VAL A 385 14.99 15.29 -1.33
C VAL A 385 14.72 15.07 0.15
N LYS A 386 15.75 14.88 0.95
CA LYS A 386 15.52 14.59 2.38
C LYS A 386 14.70 15.70 3.05
N SER A 387 15.12 16.95 2.89
CA SER A 387 14.34 18.03 3.52
C SER A 387 12.91 18.19 2.98
N ASN A 388 12.77 18.19 1.67
CA ASN A 388 11.45 18.38 1.07
C ASN A 388 10.54 17.29 1.55
N VAL A 389 11.01 16.05 1.58
CA VAL A 389 10.14 14.97 1.93
C VAL A 389 9.82 14.93 3.44
N ILE A 390 10.82 15.01 4.29
CA ILE A 390 10.56 15.08 5.71
C ILE A 390 9.59 16.23 6.01
N ASN A 391 9.80 17.41 5.43
CA ASN A 391 8.99 18.56 5.79
C ASN A 391 7.60 18.54 5.20
N GLN A 392 7.41 17.83 4.09
CA GLN A 392 6.12 17.90 3.33
C GLN A 392 5.30 16.64 3.22
N ALA A 393 5.86 15.47 3.50
CA ALA A 393 5.12 14.26 3.24
C ALA A 393 4.26 13.90 4.41
N GLY A 394 3.07 13.42 4.15
CA GLY A 394 2.25 12.87 5.21
C GLY A 394 0.96 13.61 5.44
N ALA A 395 0.02 12.95 6.09
CA ALA A 395 -1.19 13.56 6.61
C ALA A 395 -1.01 14.73 7.55
N GLY A 396 -1.96 15.67 7.50
CA GLY A 396 -1.95 16.82 8.41
C GLY A 396 -0.92 17.90 8.11
N LYS A 397 -0.20 17.76 6.99
CA LYS A 397 0.65 18.82 6.44
C LYS A 397 -0.11 19.62 5.36
N LEU A 398 -1.43 19.45 5.34
CA LEU A 398 -2.40 20.45 4.86
C LEU A 398 -3.61 20.24 5.80
N ASN A 399 -4.67 21.03 5.64
CA ASN A 399 -5.95 20.72 6.32
C ASN A 399 -7.20 21.29 5.64
#